data_1XAO
#
_entry.id   1XAO
#
_cell.length_a   49.631
_cell.length_b   49.631
_cell.length_c   210.191
_cell.angle_alpha   90.00
_cell.angle_beta   90.00
_cell.angle_gamma   120.00
#
_symmetry.space_group_name_H-M   'P 61'
#
loop_
_entity.id
_entity.type
_entity.pdbx_description
1 polymer 'Mitochondrial protein import protein MAS5'
2 water water
#
_entity_poly.entity_id   1
_entity_poly.type   'polypeptide(L)'
_entity_poly.pdbx_seq_one_letter_code
;SFKRDGDDLVYEAEIDLLTAIAGGEFALEHVSGDWLKVGIVPGEVIAPGMRKVIEGKGMPIPKYGGYGNLIIKFTIKFPE
NHFTSEENLKKLEEILPPRIVPAIPKKATVDECVLADFDPA
;
_entity_poly.pdbx_strand_id   A,B
#
# COMPACT_ATOMS: atom_id res chain seq x y z
N SER A 1 2.42 7.69 20.42
CA SER A 1 3.80 7.60 21.00
C SER A 1 4.91 7.76 19.96
N PHE A 2 5.99 8.43 20.35
CA PHE A 2 7.13 8.66 19.47
C PHE A 2 8.34 7.84 19.95
N LYS A 3 9.15 7.36 19.00
CA LYS A 3 10.34 6.60 19.34
C LYS A 3 11.54 7.50 19.13
N ARG A 4 12.52 7.42 20.03
CA ARG A 4 13.70 8.26 19.91
C ARG A 4 14.86 7.50 19.28
N ASP A 5 15.40 8.07 18.21
CA ASP A 5 16.52 7.49 17.47
C ASP A 5 17.58 8.58 17.39
N GLY A 6 18.50 8.57 18.36
CA GLY A 6 19.53 9.58 18.40
C GLY A 6 18.89 10.90 18.77
N ASP A 7 18.94 11.87 17.87
CA ASP A 7 18.33 13.17 18.14
C ASP A 7 17.11 13.37 17.25
N ASP A 8 16.69 12.28 16.61
CA ASP A 8 15.52 12.30 15.74
C ASP A 8 14.40 11.54 16.42
N LEU A 9 13.16 11.85 16.05
CA LEU A 9 12.00 11.16 16.57
C LEU A 9 11.35 10.42 15.42
N VAL A 10 10.80 9.25 15.69
CA VAL A 10 10.13 8.45 14.68
C VAL A 10 8.66 8.23 15.08
N TYR A 11 7.77 8.59 14.17
CA TYR A 11 6.33 8.48 14.39
C TYR A 11 5.71 7.66 13.26
N GLU A 12 4.84 6.72 13.62
CA GLU A 12 4.20 5.87 12.62
C GLU A 12 2.80 6.40 12.32
N ALA A 13 2.64 6.98 11.13
CA ALA A 13 1.36 7.54 10.75
C ALA A 13 0.61 6.63 9.79
N GLU A 14 -0.72 6.70 9.86
CA GLU A 14 -1.57 5.92 8.97
C GLU A 14 -2.46 6.89 8.20
N ILE A 15 -2.50 6.74 6.88
CA ILE A 15 -3.35 7.60 6.06
C ILE A 15 -4.11 6.71 5.11
N ASP A 16 -5.23 7.20 4.60
CA ASP A 16 -6.04 6.43 3.65
C ASP A 16 -5.38 6.46 2.27
N LEU A 17 -5.68 5.45 1.47
CA LEU A 17 -5.11 5.34 0.13
C LEU A 17 -5.31 6.59 -0.73
N LEU A 18 -6.50 7.20 -0.64
CA LEU A 18 -6.81 8.39 -1.42
C LEU A 18 -5.81 9.51 -1.18
N THR A 19 -5.55 9.78 0.09
CA THR A 19 -4.61 10.83 0.45
C THR A 19 -3.21 10.44 0.00
N ALA A 20 -2.90 9.16 0.15
CA ALA A 20 -1.59 8.65 -0.22
C ALA A 20 -1.24 8.87 -1.69
N ILE A 21 -2.21 8.68 -2.58
CA ILE A 21 -1.92 8.85 -4.00
C ILE A 21 -2.46 10.10 -4.66
N ALA A 22 -3.37 10.81 -3.99
CA ALA A 22 -3.95 12.03 -4.56
C ALA A 22 -3.70 13.27 -3.71
N GLY A 23 -2.98 13.11 -2.61
CA GLY A 23 -2.70 14.25 -1.76
C GLY A 23 -3.79 14.49 -0.74
N GLY A 24 -3.49 15.37 0.21
CA GLY A 24 -4.46 15.67 1.25
C GLY A 24 -3.75 16.24 2.46
N GLU A 25 -4.31 16.03 3.63
CA GLU A 25 -3.72 16.55 4.86
C GLU A 25 -3.87 15.55 6.00
N PHE A 26 -2.95 15.61 6.95
CA PHE A 26 -3.03 14.78 8.15
C PHE A 26 -2.35 15.59 9.23
N ALA A 27 -2.64 15.28 10.48
CA ALA A 27 -2.04 16.02 11.57
C ALA A 27 -1.73 15.10 12.72
N LEU A 28 -0.89 15.57 13.63
CA LEU A 28 -0.54 14.80 14.81
C LEU A 28 -0.03 15.72 15.91
N GLU A 29 -0.25 15.31 17.14
CA GLU A 29 0.20 16.10 18.28
C GLU A 29 1.66 15.74 18.51
N HIS A 30 2.51 16.76 18.55
CA HIS A 30 3.93 16.56 18.76
C HIS A 30 4.16 16.36 20.26
N VAL A 31 5.32 15.85 20.63
CA VAL A 31 5.64 15.62 22.04
C VAL A 31 5.66 16.92 22.82
N SER A 32 5.78 18.04 22.10
CA SER A 32 5.80 19.36 22.72
C SER A 32 4.38 19.80 23.09
N GLY A 33 3.39 19.20 22.45
CA GLY A 33 2.02 19.58 22.74
C GLY A 33 1.44 20.33 21.56
N ASP A 34 2.30 20.88 20.71
CA ASP A 34 1.83 21.59 19.53
C ASP A 34 1.37 20.56 18.51
N TRP A 35 0.45 20.95 17.65
CA TRP A 35 -0.03 20.05 16.62
C TRP A 35 0.62 20.38 15.29
N LEU A 36 1.10 19.36 14.61
CA LEU A 36 1.72 19.57 13.32
C LEU A 36 0.63 19.26 12.30
N LYS A 37 0.41 20.18 11.37
CA LYS A 37 -0.60 19.98 10.34
C LYS A 37 0.22 19.77 9.07
N VAL A 38 0.13 18.59 8.49
CA VAL A 38 0.91 18.28 7.31
C VAL A 38 0.10 18.18 6.04
N GLY A 39 0.57 18.85 5.01
CA GLY A 39 -0.12 18.80 3.74
C GLY A 39 0.62 17.92 2.76
N ILE A 40 -0.06 16.93 2.18
CA ILE A 40 0.59 16.10 1.19
C ILE A 40 0.12 16.66 -0.14
N VAL A 41 1.07 17.18 -0.91
CA VAL A 41 0.76 17.81 -2.18
C VAL A 41 0.30 16.84 -3.26
N PRO A 42 -0.80 17.16 -3.95
CA PRO A 42 -1.24 16.24 -5.00
C PRO A 42 -0.09 16.07 -5.98
N GLY A 43 0.24 14.82 -6.31
CA GLY A 43 1.33 14.56 -7.23
C GLY A 43 2.50 13.88 -6.53
N GLU A 44 2.69 14.17 -5.25
CA GLU A 44 3.78 13.55 -4.50
C GLU A 44 3.22 12.39 -3.70
N VAL A 45 3.31 11.21 -4.31
CA VAL A 45 2.79 9.96 -3.76
C VAL A 45 3.47 9.44 -2.50
N ILE A 46 2.65 8.89 -1.60
CA ILE A 46 3.16 8.29 -0.38
C ILE A 46 2.95 6.79 -0.57
N ALA A 47 4.03 6.01 -0.50
CA ALA A 47 3.94 4.57 -0.68
C ALA A 47 3.99 3.82 0.64
N PRO A 48 3.53 2.56 0.65
CA PRO A 48 3.54 1.73 1.86
C PRO A 48 4.94 1.68 2.49
N GLY A 49 5.02 1.99 3.78
CA GLY A 49 6.30 1.96 4.47
C GLY A 49 7.24 3.11 4.16
N MET A 50 6.88 3.99 3.23
CA MET A 50 7.74 5.12 2.86
C MET A 50 8.02 6.02 4.06
N ARG A 51 9.17 6.67 4.04
CA ARG A 51 9.54 7.60 5.09
C ARG A 51 9.66 9.02 4.52
N LYS A 52 9.30 9.99 5.35
CA LYS A 52 9.39 11.41 5.00
C LYS A 52 9.92 12.11 6.24
N VAL A 53 10.45 13.31 6.05
CA VAL A 53 11.03 14.03 7.16
C VAL A 53 10.44 15.40 7.39
N ILE A 54 10.22 15.72 8.66
CA ILE A 54 9.74 17.04 9.05
C ILE A 54 10.95 17.64 9.75
N GLU A 55 11.55 18.64 9.09
CA GLU A 55 12.75 19.29 9.60
C GLU A 55 12.65 19.98 10.95
N GLY A 56 13.57 19.67 11.84
CA GLY A 56 13.62 20.29 13.15
C GLY A 56 12.59 19.90 14.21
N LYS A 57 11.88 18.80 14.00
CA LYS A 57 10.88 18.39 14.98
C LYS A 57 11.37 17.22 15.81
N GLY A 58 12.70 17.09 15.90
CA GLY A 58 13.29 16.02 16.68
C GLY A 58 13.66 16.50 18.07
N MET A 59 14.77 15.98 18.59
CA MET A 59 15.25 16.33 19.93
C MET A 59 16.36 17.39 19.88
N PRO A 60 16.79 17.88 21.06
CA PRO A 60 17.85 18.90 21.14
C PRO A 60 19.18 18.40 20.55
N TYR A 67 17.92 21.39 16.71
CA TYR A 67 17.03 20.25 16.89
C TYR A 67 17.17 19.19 15.80
N GLY A 68 16.86 17.95 16.17
CA GLY A 68 16.94 16.88 15.20
C GLY A 68 15.67 16.93 14.37
N ASN A 69 15.41 15.91 13.58
CA ASN A 69 14.22 15.90 12.75
C ASN A 69 13.20 14.85 13.13
N LEU A 70 11.99 15.02 12.63
CA LEU A 70 10.93 14.05 12.87
C LEU A 70 10.80 13.22 11.61
N ILE A 71 10.89 11.90 11.75
CA ILE A 71 10.76 10.99 10.63
C ILE A 71 9.38 10.34 10.71
N ILE A 72 8.58 10.48 9.65
CA ILE A 72 7.26 9.87 9.61
C ILE A 72 7.32 8.62 8.73
N LYS A 73 6.90 7.48 9.29
CA LYS A 73 6.86 6.22 8.56
C LYS A 73 5.39 6.00 8.28
N PHE A 74 5.04 5.86 7.00
CA PHE A 74 3.65 5.69 6.61
C PHE A 74 3.08 4.30 6.39
N THR A 75 1.85 4.13 6.83
CA THR A 75 1.11 2.89 6.65
C THR A 75 -0.13 3.37 5.88
N ILE A 76 -0.50 2.64 4.83
CA ILE A 76 -1.64 3.05 4.03
C ILE A 76 -2.83 2.11 4.19
N LYS A 77 -3.95 2.66 4.65
CA LYS A 77 -5.15 1.87 4.84
C LYS A 77 -5.90 1.78 3.51
N PHE A 78 -6.21 0.55 3.11
CA PHE A 78 -6.91 0.30 1.86
C PHE A 78 -8.39 0.12 2.11
N PRO A 79 -9.22 0.38 1.08
CA PRO A 79 -10.67 0.23 1.19
C PRO A 79 -10.96 -1.27 1.28
N GLU A 80 -12.19 -1.62 1.66
CA GLU A 80 -12.58 -3.02 1.77
C GLU A 80 -13.12 -3.45 0.41
N ASN A 81 -13.45 -4.73 0.27
CA ASN A 81 -13.97 -5.24 -0.99
C ASN A 81 -15.25 -4.53 -1.41
N HIS A 82 -15.48 -4.44 -2.72
CA HIS A 82 -16.68 -3.81 -3.26
C HIS A 82 -16.88 -2.36 -2.80
N PHE A 83 -15.80 -1.61 -2.71
CA PHE A 83 -15.89 -0.21 -2.28
C PHE A 83 -16.42 0.72 -3.38
N THR A 84 -16.58 0.20 -4.59
CA THR A 84 -17.08 1.01 -5.69
C THR A 84 -17.70 0.11 -6.77
N SER A 85 -18.30 0.72 -7.80
CA SER A 85 -18.93 -0.05 -8.87
C SER A 85 -17.89 -0.50 -9.90
N GLU A 86 -18.23 -1.54 -10.65
CA GLU A 86 -17.33 -2.06 -11.66
C GLU A 86 -16.95 -0.99 -12.68
N GLU A 87 -17.89 -0.11 -13.01
CA GLU A 87 -17.61 0.95 -13.97
C GLU A 87 -16.50 1.85 -13.47
N ASN A 88 -16.53 2.18 -12.19
CA ASN A 88 -15.49 3.04 -11.62
C ASN A 88 -14.15 2.32 -11.61
N LEU A 89 -14.15 1.02 -11.30
CA LEU A 89 -12.92 0.25 -11.28
C LEU A 89 -12.30 0.26 -12.67
N LYS A 90 -13.14 0.30 -13.69
CA LYS A 90 -12.65 0.33 -15.06
C LYS A 90 -11.99 1.67 -15.31
N LYS A 91 -12.56 2.72 -14.72
CA LYS A 91 -12.03 4.06 -14.87
C LYS A 91 -10.63 4.20 -14.25
N LEU A 92 -10.34 3.39 -13.24
CA LEU A 92 -9.03 3.45 -12.59
C LEU A 92 -7.93 3.07 -13.56
N GLU A 93 -8.27 2.21 -14.52
CA GLU A 93 -7.30 1.78 -15.52
C GLU A 93 -6.82 2.93 -16.39
N GLU A 94 -7.59 4.00 -16.45
CA GLU A 94 -7.21 5.14 -17.26
C GLU A 94 -6.46 6.19 -16.45
N ILE A 95 -6.56 6.09 -15.13
CA ILE A 95 -5.89 7.04 -14.25
C ILE A 95 -4.54 6.51 -13.79
N LEU A 96 -4.51 5.24 -13.41
CA LEU A 96 -3.28 4.60 -12.95
C LEU A 96 -2.43 4.13 -14.14
N PRO A 97 -1.14 3.89 -13.90
CA PRO A 97 -0.21 3.44 -14.95
C PRO A 97 -0.60 2.10 -15.57
N PRO A 98 -0.01 1.78 -16.74
CA PRO A 98 -0.30 0.53 -17.43
C PRO A 98 -0.16 -0.69 -16.53
N ARG A 99 -1.04 -1.67 -16.74
CA ARG A 99 -1.06 -2.91 -16.00
C ARG A 99 0.13 -3.79 -16.33
N ILE A 100 0.42 -4.71 -15.42
CA ILE A 100 1.48 -5.68 -15.61
C ILE A 100 0.75 -7.03 -15.61
N VAL A 101 0.93 -7.77 -16.70
CA VAL A 101 0.30 -9.07 -16.90
C VAL A 101 1.40 -10.14 -16.94
N PRO A 102 1.05 -11.39 -16.58
CA PRO A 102 2.00 -12.52 -16.57
C PRO A 102 2.45 -12.99 -17.95
N ALA A 103 3.72 -13.37 -18.05
CA ALA A 103 4.28 -13.89 -19.29
C ALA A 103 4.66 -15.35 -19.05
N ILE A 104 3.66 -16.22 -19.01
CA ILE A 104 3.90 -17.64 -18.76
C ILE A 104 4.53 -18.35 -19.94
N PRO A 105 5.63 -19.09 -19.69
CA PRO A 105 6.35 -19.83 -20.74
C PRO A 105 5.41 -20.76 -21.51
N LYS A 106 5.51 -20.71 -22.83
CA LYS A 106 4.70 -21.55 -23.69
C LYS A 106 5.18 -22.98 -23.49
N LYS A 107 4.23 -23.90 -23.34
CA LYS A 107 4.51 -25.34 -23.13
C LYS A 107 4.73 -25.69 -21.64
N ALA A 108 4.64 -24.69 -20.77
CA ALA A 108 4.78 -24.96 -19.34
C ALA A 108 3.41 -25.45 -18.92
N THR A 109 3.32 -26.20 -17.83
CA THR A 109 1.99 -26.64 -17.40
C THR A 109 1.49 -25.52 -16.50
N VAL A 110 0.24 -25.12 -16.70
CA VAL A 110 -0.30 -24.04 -15.89
C VAL A 110 -1.52 -24.48 -15.08
N ASP A 111 -1.50 -24.14 -13.81
CA ASP A 111 -2.60 -24.46 -12.92
C ASP A 111 -3.32 -23.16 -12.60
N GLU A 112 -4.57 -23.05 -13.05
CA GLU A 112 -5.36 -21.86 -12.80
C GLU A 112 -5.82 -21.92 -11.34
N CYS A 113 -5.30 -21.04 -10.51
CA CYS A 113 -5.64 -21.04 -9.10
C CYS A 113 -6.50 -19.86 -8.65
N VAL A 114 -7.14 -20.05 -7.50
CA VAL A 114 -8.00 -19.03 -6.92
C VAL A 114 -7.43 -18.63 -5.56
N LEU A 115 -7.61 -17.37 -5.20
CA LEU A 115 -7.12 -16.88 -3.92
C LEU A 115 -8.18 -17.04 -2.86
N ALA A 116 -7.78 -17.65 -1.74
CA ALA A 116 -8.69 -17.87 -0.61
C ALA A 116 -8.19 -17.02 0.56
N ASP A 117 -9.12 -16.57 1.40
CA ASP A 117 -8.76 -15.76 2.55
C ASP A 117 -7.86 -16.50 3.53
N PHE A 118 -6.94 -15.75 4.15
CA PHE A 118 -6.01 -16.31 5.11
C PHE A 118 -6.58 -16.12 6.51
N ASP A 119 -6.55 -17.17 7.32
CA ASP A 119 -7.05 -17.10 8.68
C ASP A 119 -5.90 -16.79 9.62
N PRO A 120 -5.92 -15.59 10.24
CA PRO A 120 -4.90 -15.11 11.17
C PRO A 120 -4.20 -16.17 12.02
N ALA A 121 -4.93 -17.20 12.40
CA ALA A 121 -4.36 -18.27 13.23
C ALA A 121 -4.51 -19.64 12.56
N SER B 1 12.59 -17.42 -4.29
CA SER B 1 12.35 -18.77 -3.68
C SER B 1 11.14 -18.81 -2.75
N PHE B 2 10.84 -19.99 -2.24
CA PHE B 2 9.73 -20.20 -1.31
C PHE B 2 10.25 -20.55 0.08
N LYS B 3 9.59 -20.06 1.12
CA LYS B 3 9.98 -20.34 2.50
C LYS B 3 9.07 -21.47 2.96
N ARG B 4 9.63 -22.46 3.66
CA ARG B 4 8.83 -23.58 4.15
C ARG B 4 8.32 -23.33 5.56
N ASP B 5 7.00 -23.32 5.72
CA ASP B 5 6.37 -23.10 7.02
C ASP B 5 5.68 -24.40 7.42
N GLY B 6 6.47 -25.35 7.91
CA GLY B 6 5.94 -26.62 8.30
C GLY B 6 5.44 -27.40 7.11
N ASP B 7 4.12 -27.40 6.91
CA ASP B 7 3.51 -28.12 5.81
C ASP B 7 3.10 -27.19 4.67
N ASP B 8 3.25 -25.89 4.91
CA ASP B 8 2.90 -24.90 3.91
C ASP B 8 4.13 -24.20 3.36
N LEU B 9 3.94 -23.45 2.28
CA LEU B 9 5.03 -22.68 1.67
C LEU B 9 4.60 -21.22 1.67
N VAL B 10 5.57 -20.33 1.82
CA VAL B 10 5.28 -18.91 1.82
C VAL B 10 6.02 -18.21 0.68
N TYR B 11 5.28 -17.47 -0.12
CA TYR B 11 5.83 -16.76 -1.27
C TYR B 11 5.52 -15.28 -1.20
N GLU B 12 6.55 -14.47 -1.42
CA GLU B 12 6.44 -13.01 -1.40
C GLU B 12 6.14 -12.52 -2.82
N ALA B 13 4.90 -12.11 -3.06
CA ALA B 13 4.52 -11.63 -4.38
C ALA B 13 4.34 -10.13 -4.41
N GLU B 14 4.77 -9.50 -5.49
CA GLU B 14 4.60 -8.07 -5.63
C GLU B 14 3.68 -7.77 -6.81
N ILE B 15 2.68 -6.92 -6.59
CA ILE B 15 1.77 -6.55 -7.67
C ILE B 15 1.63 -5.04 -7.66
N ASP B 16 1.25 -4.47 -8.80
CA ASP B 16 1.06 -3.03 -8.91
C ASP B 16 -0.27 -2.65 -8.25
N LEU B 17 -0.36 -1.41 -7.81
CA LEU B 17 -1.55 -0.90 -7.14
C LEU B 17 -2.83 -1.16 -7.95
N LEU B 18 -2.76 -0.94 -9.25
CA LEU B 18 -3.91 -1.11 -10.13
C LEU B 18 -4.56 -2.49 -9.94
N THR B 19 -3.74 -3.53 -10.02
CA THR B 19 -4.22 -4.88 -9.86
C THR B 19 -4.73 -5.10 -8.44
N ALA B 20 -4.02 -4.51 -7.48
CA ALA B 20 -4.38 -4.66 -6.07
C ALA B 20 -5.78 -4.16 -5.73
N ILE B 21 -6.18 -3.04 -6.31
CA ILE B 21 -7.49 -2.51 -5.99
C ILE B 21 -8.56 -2.66 -7.07
N ALA B 22 -8.16 -3.03 -8.29
CA ALA B 22 -9.14 -3.19 -9.37
C ALA B 22 -9.20 -4.61 -9.97
N GLY B 23 -8.39 -5.52 -9.42
CA GLY B 23 -8.39 -6.87 -9.95
C GLY B 23 -7.44 -7.03 -11.12
N GLY B 24 -7.15 -8.28 -11.47
CA GLY B 24 -6.26 -8.56 -12.57
C GLY B 24 -5.69 -9.94 -12.36
N GLU B 25 -4.44 -10.16 -12.78
CA GLU B 25 -3.86 -11.47 -12.60
C GLU B 25 -2.35 -11.39 -12.46
N PHE B 26 -1.77 -12.44 -11.88
CA PHE B 26 -0.33 -12.54 -11.72
C PHE B 26 0.01 -14.02 -11.74
N ALA B 27 1.27 -14.35 -11.98
CA ALA B 27 1.65 -15.75 -12.04
C ALA B 27 3.00 -15.94 -11.40
N LEU B 28 3.30 -17.18 -11.03
CA LEU B 28 4.58 -17.48 -10.45
C LEU B 28 4.92 -18.96 -10.68
N GLU B 29 6.20 -19.26 -10.85
CA GLU B 29 6.59 -20.65 -11.05
C GLU B 29 6.60 -21.29 -9.67
N HIS B 30 5.97 -22.45 -9.57
CA HIS B 30 5.90 -23.18 -8.32
C HIS B 30 7.16 -24.04 -8.17
N VAL B 31 7.45 -24.48 -6.94
CA VAL B 31 8.61 -25.32 -6.68
C VAL B 31 8.58 -26.60 -7.49
N SER B 32 7.40 -26.95 -7.99
CA SER B 32 7.23 -28.16 -8.78
C SER B 32 7.61 -27.97 -10.25
N GLY B 33 7.73 -26.72 -10.68
CA GLY B 33 8.05 -26.45 -12.07
C GLY B 33 6.81 -25.96 -12.79
N ASP B 34 5.66 -26.24 -12.18
CA ASP B 34 4.39 -25.81 -12.77
C ASP B 34 4.19 -24.32 -12.49
N TRP B 35 3.50 -23.64 -13.40
CA TRP B 35 3.22 -22.22 -13.24
C TRP B 35 1.80 -22.01 -12.73
N LEU B 36 1.69 -21.21 -11.68
CA LEU B 36 0.38 -20.93 -11.12
C LEU B 36 -0.09 -19.60 -11.72
N LYS B 37 -1.29 -19.60 -12.30
CA LYS B 37 -1.84 -18.40 -12.89
C LYS B 37 -2.94 -17.96 -11.91
N VAL B 38 -2.75 -16.83 -11.27
CA VAL B 38 -3.72 -16.38 -10.30
C VAL B 38 -4.56 -15.19 -10.74
N GLY B 39 -5.87 -15.33 -10.59
CA GLY B 39 -6.78 -14.26 -10.97
C GLY B 39 -7.25 -13.51 -9.73
N ILE B 40 -7.10 -12.20 -9.72
CA ILE B 40 -7.57 -11.40 -8.60
C ILE B 40 -8.87 -10.78 -9.07
N VAL B 41 -9.97 -11.23 -8.49
CA VAL B 41 -11.30 -10.78 -8.87
C VAL B 41 -11.58 -9.31 -8.59
N PRO B 42 -12.12 -8.58 -9.60
CA PRO B 42 -12.42 -7.17 -9.37
C PRO B 42 -13.37 -7.08 -8.19
N GLY B 43 -13.08 -6.21 -7.24
CA GLY B 43 -13.92 -6.08 -6.07
C GLY B 43 -13.29 -6.73 -4.85
N GLU B 44 -12.31 -7.60 -5.06
CA GLU B 44 -11.63 -8.27 -3.96
C GLU B 44 -10.22 -7.69 -3.77
N VAL B 45 -10.17 -6.61 -3.00
CA VAL B 45 -8.95 -5.86 -2.73
C VAL B 45 -7.81 -6.61 -2.04
N ILE B 46 -6.59 -6.33 -2.47
CA ILE B 46 -5.40 -6.91 -1.84
C ILE B 46 -4.71 -5.71 -1.18
N ALA B 47 -4.44 -5.82 0.12
CA ALA B 47 -3.80 -4.72 0.83
C ALA B 47 -2.33 -4.98 1.14
N PRO B 48 -1.57 -3.90 1.41
CA PRO B 48 -0.14 -4.06 1.73
C PRO B 48 0.04 -5.06 2.87
N GLY B 49 0.89 -6.06 2.65
CA GLY B 49 1.16 -7.07 3.67
C GLY B 49 0.08 -8.13 3.83
N MET B 50 -1.02 -8.01 3.09
CA MET B 50 -2.11 -8.98 3.19
C MET B 50 -1.65 -10.35 2.71
N ARG B 51 -2.19 -11.38 3.33
CA ARG B 51 -1.87 -12.75 2.94
C ARG B 51 -3.09 -13.43 2.34
N LYS B 52 -2.85 -14.31 1.39
CA LYS B 52 -3.91 -15.07 0.76
C LYS B 52 -3.42 -16.50 0.66
N VAL B 53 -4.37 -17.42 0.54
CA VAL B 53 -4.05 -18.82 0.49
C VAL B 53 -4.44 -19.52 -0.80
N ILE B 54 -3.51 -20.31 -1.32
CA ILE B 54 -3.75 -21.11 -2.51
C ILE B 54 -3.68 -22.53 -1.93
N GLU B 55 -4.85 -23.11 -1.69
CA GLU B 55 -4.92 -24.43 -1.09
C GLU B 55 -4.37 -25.58 -1.92
N GLY B 56 -3.63 -26.46 -1.25
CA GLY B 56 -3.07 -27.63 -1.91
C GLY B 56 -1.74 -27.42 -2.62
N LYS B 57 -1.17 -26.23 -2.50
CA LYS B 57 0.11 -25.98 -3.17
C LYS B 57 1.27 -25.92 -2.19
N GLY B 58 1.09 -26.54 -1.04
CA GLY B 58 2.14 -26.57 -0.03
C GLY B 58 3.01 -27.81 -0.14
N MET B 59 3.43 -28.33 1.02
CA MET B 59 4.28 -29.50 1.08
C MET B 59 3.51 -30.81 1.25
N PRO B 60 4.10 -31.94 0.83
CA PRO B 60 3.49 -33.28 0.90
C PRO B 60 2.65 -33.52 2.15
N TYR B 67 -1.52 -32.30 0.31
CA TYR B 67 -0.44 -31.35 0.51
C TYR B 67 -0.86 -30.16 1.34
N GLY B 68 0.11 -29.43 1.88
CA GLY B 68 -0.20 -28.26 2.67
C GLY B 68 -0.66 -27.16 1.72
N ASN B 69 -0.72 -25.93 2.20
CA ASN B 69 -1.16 -24.81 1.38
C ASN B 69 -0.02 -23.86 1.03
N LEU B 70 -0.26 -23.02 0.04
CA LEU B 70 0.72 -22.01 -0.36
C LEU B 70 0.18 -20.69 0.19
N ILE B 71 1.01 -19.97 0.92
CA ILE B 71 0.58 -18.69 1.45
C ILE B 71 1.30 -17.57 0.69
N ILE B 72 0.54 -16.64 0.12
CA ILE B 72 1.15 -15.53 -0.61
C ILE B 72 1.02 -14.24 0.19
N LYS B 73 2.16 -13.59 0.41
CA LYS B 73 2.21 -12.33 1.14
C LYS B 73 2.43 -11.28 0.06
N PHE B 74 1.52 -10.31 0.01
CA PHE B 74 1.62 -9.29 -1.02
C PHE B 74 2.28 -7.97 -0.63
N THR B 75 3.03 -7.45 -1.59
CA THR B 75 3.70 -6.17 -1.46
C THR B 75 3.10 -5.40 -2.63
N ILE B 76 2.68 -4.15 -2.40
CA ILE B 76 2.07 -3.37 -3.46
C ILE B 76 2.95 -2.24 -3.94
N LYS B 77 3.33 -2.32 -5.21
CA LYS B 77 4.17 -1.30 -5.82
C LYS B 77 3.32 -0.09 -6.22
N PHE B 78 3.71 1.08 -5.75
CA PHE B 78 2.99 2.31 -6.06
C PHE B 78 3.64 3.10 -7.18
N PRO B 79 2.86 3.93 -7.87
CA PRO B 79 3.33 4.77 -8.98
C PRO B 79 4.25 5.86 -8.44
N GLU B 80 5.11 6.40 -9.30
CA GLU B 80 6.01 7.48 -8.90
C GLU B 80 5.20 8.77 -8.87
N ASN B 81 5.84 9.87 -8.51
CA ASN B 81 5.16 11.17 -8.46
C ASN B 81 4.76 11.63 -9.84
N HIS B 82 3.66 12.39 -9.91
CA HIS B 82 3.18 12.94 -11.17
C HIS B 82 2.83 11.85 -12.18
N PHE B 83 2.21 10.78 -11.72
CA PHE B 83 1.85 9.67 -12.59
C PHE B 83 0.58 9.93 -13.42
N THR B 84 -0.15 10.98 -13.10
CA THR B 84 -1.36 11.30 -13.86
C THR B 84 -1.67 12.80 -13.78
N SER B 85 -2.71 13.23 -14.50
CA SER B 85 -3.06 14.65 -14.49
C SER B 85 -3.78 15.06 -13.21
N GLU B 86 -3.60 16.32 -12.83
CA GLU B 86 -4.23 16.88 -11.64
C GLU B 86 -5.72 16.57 -11.73
N GLU B 87 -6.26 16.71 -12.94
CA GLU B 87 -7.67 16.45 -13.20
C GLU B 87 -8.04 15.02 -12.88
N ASN B 88 -7.18 14.07 -13.28
CA ASN B 88 -7.44 12.67 -13.00
C ASN B 88 -7.38 12.38 -11.49
N LEU B 89 -6.48 13.06 -10.79
CA LEU B 89 -6.36 12.87 -9.35
C LEU B 89 -7.65 13.26 -8.66
N LYS B 90 -8.32 14.29 -9.19
CA LYS B 90 -9.58 14.72 -8.62
C LYS B 90 -10.66 13.70 -8.93
N LYS B 91 -10.49 12.97 -10.02
CA LYS B 91 -11.45 11.94 -10.37
C LYS B 91 -11.38 10.81 -9.35
N LEU B 92 -10.19 10.59 -8.78
CA LEU B 92 -10.02 9.54 -7.79
C LEU B 92 -10.91 9.80 -6.60
N GLU B 93 -11.18 11.08 -6.34
CA GLU B 93 -12.03 11.49 -5.22
C GLU B 93 -13.40 10.85 -5.32
N GLU B 94 -13.88 10.61 -6.53
CA GLU B 94 -15.21 10.03 -6.70
C GLU B 94 -15.25 8.51 -6.79
N ILE B 95 -14.08 7.88 -6.85
CA ILE B 95 -14.00 6.43 -6.95
C ILE B 95 -13.65 5.79 -5.61
N LEU B 96 -12.69 6.38 -4.91
CA LEU B 96 -12.27 5.87 -3.60
C LEU B 96 -13.20 6.40 -2.52
N PRO B 97 -13.23 5.75 -1.35
CA PRO B 97 -14.09 6.17 -0.24
C PRO B 97 -13.78 7.58 0.27
N PRO B 98 -14.72 8.16 1.04
CA PRO B 98 -14.57 9.51 1.59
C PRO B 98 -13.22 9.70 2.27
N ARG B 99 -12.66 10.90 2.12
CA ARG B 99 -11.38 11.28 2.72
C ARG B 99 -11.48 11.41 4.23
N ILE B 100 -10.34 11.36 4.88
CA ILE B 100 -10.23 11.56 6.32
C ILE B 100 -9.36 12.82 6.41
N VAL B 101 -9.85 13.82 7.14
CA VAL B 101 -9.12 15.06 7.30
C VAL B 101 -8.88 15.33 8.78
N PRO B 102 -7.88 16.16 9.10
CA PRO B 102 -7.51 16.53 10.47
C PRO B 102 -8.55 17.30 11.27
N ALA B 103 -8.71 16.88 12.53
CA ALA B 103 -9.62 17.55 13.45
C ALA B 103 -8.72 18.03 14.58
N ILE B 104 -8.11 19.20 14.39
CA ILE B 104 -7.21 19.77 15.38
C ILE B 104 -7.96 20.59 16.43
N PRO B 105 -7.65 20.37 17.71
CA PRO B 105 -8.29 21.11 18.81
C PRO B 105 -8.16 22.61 18.60
N LYS B 106 -9.25 23.35 18.76
CA LYS B 106 -9.18 24.79 18.59
C LYS B 106 -8.43 25.35 19.80
N LYS B 107 -7.66 26.41 19.57
CA LYS B 107 -6.86 27.04 20.63
C LYS B 107 -5.53 26.31 20.77
N ALA B 108 -5.39 25.18 20.09
CA ALA B 108 -4.15 24.42 20.13
C ALA B 108 -3.15 25.17 19.27
N THR B 109 -1.87 25.02 19.58
CA THR B 109 -0.82 25.67 18.79
C THR B 109 -0.63 24.77 17.55
N VAL B 110 -0.70 25.38 16.36
CA VAL B 110 -0.57 24.63 15.12
C VAL B 110 0.65 25.01 14.29
N ASP B 111 1.45 24.01 13.93
CA ASP B 111 2.63 24.24 13.12
C ASP B 111 2.41 23.64 11.73
N GLU B 112 2.23 24.50 10.73
CA GLU B 112 2.03 24.03 9.36
C GLU B 112 3.35 23.46 8.85
N CYS B 113 3.38 22.16 8.57
CA CYS B 113 4.62 21.54 8.13
C CYS B 113 4.59 21.00 6.69
N VAL B 114 5.79 20.83 6.15
CA VAL B 114 5.99 20.32 4.81
C VAL B 114 6.77 19.01 4.94
N LEU B 115 6.56 18.10 4.00
CA LEU B 115 7.26 16.82 4.02
C LEU B 115 8.47 16.86 3.10
N ALA B 116 9.62 16.44 3.64
CA ALA B 116 10.85 16.39 2.86
C ALA B 116 11.23 14.92 2.64
N ASP B 117 11.98 14.65 1.57
CA ASP B 117 12.39 13.29 1.28
C ASP B 117 13.32 12.73 2.34
N PHE B 118 13.29 11.41 2.50
CA PHE B 118 14.13 10.71 3.46
C PHE B 118 15.32 10.10 2.73
N ASP B 119 16.51 10.61 3.01
CA ASP B 119 17.73 10.09 2.37
C ASP B 119 18.36 9.01 3.25
N PRO B 120 18.25 7.74 2.84
CA PRO B 120 18.80 6.58 3.56
C PRO B 120 20.19 6.78 4.17
N ALA B 121 21.10 7.37 3.41
CA ALA B 121 22.45 7.59 3.91
C ALA B 121 22.44 8.35 5.23
#